data_5UM3
#
_entry.id   5UM3
#
_cell.length_a   29.177
_cell.length_b   29.375
_cell.length_c   66.052
_cell.angle_alpha   90.00
_cell.angle_beta   90.00
_cell.angle_gamma   90.00
#
_symmetry.space_group_name_H-M   'P 21 21 21'
#
loop_
_entity.id
_entity.type
_entity.pdbx_description
1 polymer 'E3 ubiquitin-protein ligase UBR2'
2 non-polymer 'ZINC ION'
3 water water
#
_entity_poly.entity_id   1
_entity_poly.type   'polypeptide(L)'
_entity_poly.pdbx_seq_one_letter_code
;GPLGSLCGRVFKVGEPTYSCRDCAVDPTCLLCMECFLGSIHRDHRYRMTTSGGGGFCDCGDTEAWKEGPYCQKHE
;
_entity_poly.pdbx_strand_id   A
#
loop_
_chem_comp.id
_chem_comp.type
_chem_comp.name
_chem_comp.formula
ZN non-polymer 'ZINC ION' 'Zn 2'
#
# COMPACT_ATOMS: atom_id res chain seq x y z
N GLY A 4 -8.49 3.68 -13.71
CA GLY A 4 -7.58 2.91 -12.87
C GLY A 4 -8.18 1.60 -12.41
N SER A 5 -7.39 0.77 -11.72
CA SER A 5 -7.86 -0.51 -11.21
C SER A 5 -7.32 -0.75 -9.82
N LEU A 6 -7.99 -1.64 -9.11
CA LEU A 6 -7.56 -2.08 -7.78
C LEU A 6 -6.48 -3.16 -7.93
N CYS A 7 -5.42 -3.03 -7.15
CA CYS A 7 -4.43 -4.11 -7.09
C CYS A 7 -5.04 -5.38 -6.49
N GLY A 8 -5.57 -5.27 -5.28
CA GLY A 8 -6.23 -6.36 -4.62
C GLY A 8 -5.34 -7.52 -4.21
N ARG A 9 -4.02 -7.39 -4.28
CA ARG A 9 -3.14 -8.52 -3.96
C ARG A 9 -3.37 -8.96 -2.52
N VAL A 10 -3.60 -10.26 -2.33
CA VAL A 10 -3.82 -10.82 -1.01
C VAL A 10 -2.47 -11.14 -0.39
N PHE A 11 -2.21 -10.57 0.79
CA PHE A 11 -0.92 -10.77 1.42
C PHE A 11 -0.78 -12.18 1.95
N LYS A 12 0.41 -12.75 1.77
CA LYS A 12 0.76 -14.02 2.35
C LYS A 12 1.41 -13.81 3.69
N VAL A 13 1.27 -14.82 4.56
CA VAL A 13 1.93 -14.77 5.85
C VAL A 13 3.42 -14.56 5.63
N GLY A 14 3.97 -13.57 6.33
CA GLY A 14 5.39 -13.26 6.25
C GLY A 14 5.78 -12.28 5.17
N GLU A 15 4.84 -11.78 4.38
N GLU A 15 4.83 -11.80 4.35
CA GLU A 15 5.14 -10.94 3.23
CA GLU A 15 5.12 -10.93 3.22
C GLU A 15 5.19 -9.46 3.63
C GLU A 15 5.24 -9.47 3.69
N PRO A 16 6.11 -8.67 3.07
CA PRO A 16 6.16 -7.24 3.42
C PRO A 16 4.88 -6.51 3.04
N THR A 17 4.47 -5.61 3.92
CA THR A 17 3.39 -4.66 3.65
C THR A 17 3.91 -3.28 3.99
N TYR A 18 3.37 -2.27 3.30
CA TYR A 18 3.86 -0.92 3.42
C TYR A 18 2.73 0.02 3.81
N SER A 19 2.94 0.77 4.89
CA SER A 19 2.02 1.81 5.35
C SER A 19 2.69 3.16 5.12
N CYS A 20 2.07 4.03 4.33
CA CYS A 20 2.57 5.39 4.22
C CYS A 20 2.01 6.18 5.39
N ARG A 21 2.89 6.63 6.29
CA ARG A 21 2.42 7.39 7.45
CA ARG A 21 2.42 7.39 7.45
C ARG A 21 1.89 8.75 7.04
N ASP A 22 2.39 9.31 5.94
CA ASP A 22 1.94 10.62 5.49
C ASP A 22 0.56 10.54 4.83
N CYS A 23 0.24 9.44 4.16
CA CYS A 23 -0.95 9.38 3.32
C CYS A 23 -2.01 8.38 3.76
N ALA A 24 -1.69 7.38 4.57
CA ALA A 24 -2.70 6.40 4.96
C ALA A 24 -3.83 7.09 5.72
N VAL A 25 -5.07 6.71 5.37
CA VAL A 25 -6.24 7.23 6.06
C VAL A 25 -6.43 6.57 7.42
N ASP A 26 -6.18 5.25 7.50
CA ASP A 26 -6.31 4.55 8.77
C ASP A 26 -5.21 3.50 8.89
N PRO A 27 -5.00 2.90 10.07
CA PRO A 27 -3.86 1.99 10.24
C PRO A 27 -3.88 0.81 9.31
N THR A 28 -5.04 0.46 8.77
CA THR A 28 -5.16 -0.74 7.95
C THR A 28 -4.84 -0.48 6.47
N CYS A 29 -4.52 0.75 6.09
CA CYS A 29 -4.26 1.07 4.69
C CYS A 29 -2.85 0.63 4.33
N LEU A 30 -2.74 -0.33 3.40
CA LEU A 30 -1.46 -0.99 3.12
C LEU A 30 -1.25 -1.10 1.62
N LEU A 31 0.03 -1.15 1.23
CA LEU A 31 0.45 -1.41 -0.14
C LEU A 31 1.38 -2.61 -0.20
N CYS A 32 1.26 -3.37 -1.29
CA CYS A 32 2.25 -4.39 -1.59
C CYS A 32 3.55 -3.74 -2.06
N MET A 33 4.62 -4.53 -2.09
CA MET A 33 5.93 -3.99 -2.40
C MET A 33 5.95 -3.38 -3.80
N GLU A 34 5.37 -4.08 -4.78
CA GLU A 34 5.35 -3.60 -6.17
C GLU A 34 4.64 -2.26 -6.27
N CYS A 35 3.48 -2.14 -5.64
CA CYS A 35 2.72 -0.90 -5.69
C CYS A 35 3.44 0.22 -4.94
N PHE A 36 3.93 -0.09 -3.75
CA PHE A 36 4.63 0.91 -2.96
C PHE A 36 5.77 1.53 -3.75
N LEU A 37 6.61 0.69 -4.36
CA LEU A 37 7.78 1.20 -5.04
C LEU A 37 7.47 1.86 -6.37
N GLY A 38 6.25 1.72 -6.88
CA GLY A 38 5.79 2.42 -8.07
C GLY A 38 4.85 3.57 -7.75
N SER A 39 4.85 4.03 -6.50
CA SER A 39 3.92 5.05 -6.02
C SER A 39 4.70 6.24 -5.48
N ILE A 40 4.00 7.34 -5.22
CA ILE A 40 4.65 8.50 -4.61
C ILE A 40 5.11 8.17 -3.21
N HIS A 41 4.56 7.14 -2.59
CA HIS A 41 4.86 6.86 -1.18
C HIS A 41 6.25 6.29 -0.98
N ARG A 42 6.93 5.86 -2.04
N ARG A 42 6.93 5.86 -2.04
CA ARG A 42 8.28 5.33 -1.92
CA ARG A 42 8.28 5.33 -1.90
C ARG A 42 9.21 6.36 -1.30
C ARG A 42 9.22 6.36 -1.30
N ASP A 43 8.90 7.64 -1.47
CA ASP A 43 9.73 8.73 -0.97
C ASP A 43 9.09 9.43 0.24
N HIS A 44 8.05 8.83 0.83
CA HIS A 44 7.38 9.38 2.00
C HIS A 44 7.86 8.68 3.26
N ARG A 45 7.32 9.13 4.39
CA ARG A 45 7.56 8.49 5.68
C ARG A 45 6.70 7.23 5.74
N TYR A 46 7.33 6.07 5.82
CA TYR A 46 6.59 4.83 5.71
C TYR A 46 7.07 3.83 6.75
N ARG A 47 6.25 2.80 6.96
CA ARG A 47 6.59 1.66 7.79
C ARG A 47 6.35 0.39 6.99
N MET A 48 7.36 -0.48 6.98
CA MET A 48 7.20 -1.81 6.44
C MET A 48 6.96 -2.75 7.61
N THR A 49 5.85 -3.49 7.56
CA THR A 49 5.50 -4.51 8.54
C THR A 49 5.25 -5.82 7.80
N THR A 50 5.79 -6.90 8.34
CA THR A 50 5.55 -8.23 7.82
C THR A 50 4.12 -8.65 8.10
N SER A 51 3.44 -9.15 7.07
CA SER A 51 2.04 -9.52 7.19
C SER A 51 1.85 -10.76 8.06
N GLY A 52 0.78 -10.74 8.85
CA GLY A 52 0.29 -11.94 9.51
C GLY A 52 -0.53 -12.83 8.61
N GLY A 53 -0.68 -12.46 7.33
CA GLY A 53 -1.44 -13.25 6.40
C GLY A 53 -2.84 -12.70 6.23
N GLY A 54 -3.28 -12.53 4.99
CA GLY A 54 -4.62 -12.03 4.76
C GLY A 54 -4.64 -10.52 4.63
N GLY A 55 -5.83 -10.00 4.37
CA GLY A 55 -5.95 -8.62 3.96
C GLY A 55 -5.33 -8.46 2.58
N PHE A 56 -5.28 -7.22 2.12
CA PHE A 56 -4.88 -7.03 0.73
C PHE A 56 -4.31 -5.64 0.54
N CYS A 57 -3.59 -5.52 -0.56
CA CYS A 57 -3.08 -4.24 -1.01
C CYS A 57 -4.24 -3.31 -1.34
N ASP A 58 -4.14 -2.07 -0.86
CA ASP A 58 -5.17 -1.05 -1.05
C ASP A 58 -4.84 -0.08 -2.18
N CYS A 59 -3.88 -0.43 -3.04
CA CYS A 59 -3.60 0.41 -4.19
C CYS A 59 -4.83 0.48 -5.10
N GLY A 60 -5.18 1.69 -5.49
CA GLY A 60 -6.34 1.91 -6.31
C GLY A 60 -7.60 2.23 -5.52
N ASP A 61 -7.54 2.22 -4.20
CA ASP A 61 -8.68 2.59 -3.37
C ASP A 61 -8.50 4.06 -2.98
N THR A 62 -9.29 4.93 -3.58
CA THR A 62 -9.14 6.37 -3.39
C THR A 62 -9.49 6.81 -1.97
N GLU A 63 -10.19 5.98 -1.20
CA GLU A 63 -10.56 6.32 0.16
C GLU A 63 -9.56 5.82 1.19
N ALA A 64 -8.54 5.08 0.75
CA ALA A 64 -7.50 4.59 1.65
C ALA A 64 -6.30 5.51 1.73
N TRP A 65 -6.19 6.49 0.82
CA TRP A 65 -5.00 7.32 0.69
C TRP A 65 -5.42 8.77 0.55
N LYS A 66 -4.79 9.64 1.34
CA LYS A 66 -5.02 11.07 1.24
C LYS A 66 -4.42 11.64 -0.05
N GLU A 67 -3.35 11.03 -0.55
CA GLU A 67 -2.68 11.43 -1.77
C GLU A 67 -2.17 10.17 -2.47
N GLY A 68 -2.02 10.24 -3.79
CA GLY A 68 -1.42 9.17 -4.56
C GLY A 68 -2.05 7.79 -4.37
N PRO A 69 -3.35 7.66 -4.62
CA PRO A 69 -4.01 6.37 -4.40
C PRO A 69 -3.60 5.28 -5.36
N TYR A 70 -3.06 5.61 -6.53
CA TYR A 70 -2.63 4.62 -7.51
C TYR A 70 -1.11 4.65 -7.69
N CYS A 71 -0.57 3.51 -8.07
CA CYS A 71 0.81 3.39 -8.50
C CYS A 71 0.86 3.40 -10.03
N GLN A 72 2.07 3.34 -10.59
CA GLN A 72 2.22 3.38 -12.04
C GLN A 72 1.54 2.19 -12.73
N LYS A 73 1.46 1.03 -12.06
CA LYS A 73 0.85 -0.13 -12.70
C LYS A 73 -0.66 -0.01 -12.77
N HIS A 74 -1.27 0.55 -11.72
CA HIS A 74 -2.72 0.48 -11.59
C HIS A 74 -3.46 1.75 -11.96
N GLU A 75 -2.76 2.86 -12.17
CA GLU A 75 -3.45 4.09 -12.55
C GLU A 75 -4.05 3.97 -13.94
ZN ZN B . -0.52 -3.84 -4.78
ZN ZN C . -0.68 -0.52 -7.59
ZN ZN D . 2.42 8.85 1.01
#